data_3IAZ
#
_entry.id   3IAZ
#
_cell.length_a   63.308
_cell.length_b   50.469
_cell.length_c   65.942
_cell.angle_alpha   90.00
_cell.angle_beta   107.70
_cell.angle_gamma   90.00
#
_symmetry.space_group_name_H-M   'P 1 21 1'
#
loop_
_entity.id
_entity.type
_entity.pdbx_description
1 polymer Lactotransferrin
2 branched 2-acetamido-2-deoxy-beta-D-glucopyranose-(1-4)-2-acetamido-2-deoxy-beta-D-glucopyranose
3 branched beta-D-mannopyranose-(1-4)-[alpha-D-mannopyranose-(1-6)]alpha-D-mannopyranose-(1-4)-2-acetamido-2-deoxy-alpha-D-glucopyranose-(1-4)-2-acetamido-2-deoxy-beta-D-glucopyranose
4 branched alpha-D-mannopyranose-(1-4)-beta-D-mannopyranose-(1-4)-beta-D-mannopyranose-(1-4)-alpha-D-mannopyranose-(1-4)-2-acetamido-2-deoxy-beta-D-glucopyranose-(1-4)-2-acetamido-2-deoxy-beta-D-glucopyranose
5 non-polymer '2-(ACETYLOXY)BENZOIC ACID'
6 non-polymer 'SULFATE ION'
7 non-polymer 'ZINC ION'
8 non-polymer 'FE (III) ION'
9 non-polymer 'CARBONATE ION'
10 non-polymer ETHANOL
11 water water
#
_entity_poly.entity_id   1
_entity_poly.type   'polypeptide(L)'
_entity_poly.pdbx_seq_one_letter_code
;YTRVVWCAVGPEEQKKCQQWSQQSGQNVTCATASTTDDCIVLVLKGEADALNLDGGYIYTAGKCGLVPVLAENRKSSKHS
SLDCVLRPTEGYLAVAVVKKANEGLTWNSLKDKKSCHTAVDRTAGWNIPMGLIVNQTGSCAFDEFFSQSCAPGADPKSRL
CALCAGDDQGLDKCVPNSKEKYYGYTGAFRCLAEDVGDVAFVKNDTVWENTNGESTADWAKNLKREDFRLLCLDGTRKPV
TEAQSCHLAVAPNHAVVSRSDRAAHVEQVLLHQQALFGKNGKNCPDKFCLFKSETKNLLFNDNTECLAKLGGRPTYEEYL
GTEYVTAIANLKKCSTSPLLEACAF
;
_entity_poly.pdbx_strand_id   A
#
# COMPACT_ATOMS: atom_id res chain seq x y z
N TYR A 1 14.81 22.36 -16.91
CA TYR A 1 14.77 21.72 -18.21
C TYR A 1 13.72 20.61 -18.26
N THR A 2 13.83 19.61 -17.35
CA THR A 2 12.96 18.41 -17.38
C THR A 2 12.70 18.00 -15.96
N ARG A 3 12.01 18.88 -15.21
CA ARG A 3 11.90 18.74 -13.76
C ARG A 3 10.55 18.27 -13.27
N VAL A 4 10.56 17.47 -12.19
CA VAL A 4 9.35 16.78 -11.74
C VAL A 4 9.06 17.10 -10.27
N VAL A 5 7.82 17.47 -9.96
CA VAL A 5 7.40 17.75 -8.60
C VAL A 5 6.74 16.48 -8.03
N TRP A 6 7.36 15.85 -7.04
CA TRP A 6 6.77 14.65 -6.42
C TRP A 6 5.77 15.03 -5.31
N CYS A 7 4.73 14.25 -5.10
CA CYS A 7 3.82 14.57 -3.99
C CYS A 7 4.03 13.60 -2.84
N ALA A 8 4.34 14.15 -1.68
CA ALA A 8 4.63 13.32 -0.51
C ALA A 8 3.43 13.41 0.41
N VAL A 9 3.11 12.29 1.05
CA VAL A 9 1.98 12.24 1.94
C VAL A 9 2.45 12.26 3.39
N GLY A 10 2.21 13.35 4.10
CA GLY A 10 2.67 13.45 5.48
C GLY A 10 4.13 13.88 5.61
N PRO A 11 4.51 14.22 6.85
CA PRO A 11 5.81 14.78 7.21
C PRO A 11 7.02 13.86 7.01
N GLU A 12 6.85 12.56 7.21
CA GLU A 12 7.93 11.62 7.05
C GLU A 12 8.25 11.44 5.57
N GLU A 13 7.21 11.32 4.73
CA GLU A 13 7.50 11.23 3.30
C GLU A 13 8.15 12.52 2.80
N GLN A 14 7.75 13.66 3.35
CA GLN A 14 8.27 14.96 2.96
C GLN A 14 9.78 15.04 3.23
N LYS A 15 10.18 14.60 4.40
CA LYS A 15 11.59 14.55 4.75
C LYS A 15 12.38 13.68 3.78
N LYS A 16 11.87 12.49 3.43
CA LYS A 16 12.60 11.65 2.46
C LYS A 16 12.64 12.31 1.09
N CYS A 17 11.53 12.93 0.71
CA CYS A 17 11.47 13.59 -0.59
C CYS A 17 12.51 14.70 -0.66
N GLN A 18 12.66 15.45 0.43
CA GLN A 18 13.64 16.55 0.46
C GLN A 18 15.09 16.09 0.22
N GLN A 19 15.44 14.97 0.84
CA GLN A 19 16.77 14.39 0.70
C GLN A 19 16.97 13.99 -0.76
N TRP A 20 15.94 13.38 -1.35
CA TRP A 20 16.00 13.01 -2.75
C TRP A 20 16.13 14.25 -3.62
N SER A 21 15.38 15.28 -3.29
CA SER A 21 15.37 16.51 -4.07
C SER A 21 16.78 17.09 -4.10
N GLN A 22 17.32 17.22 -2.90
CA GLN A 22 18.67 17.68 -2.65
C GLN A 22 19.71 16.91 -3.46
N GLN A 23 19.69 15.59 -3.37
CA GLN A 23 20.65 14.73 -4.05
C GLN A 23 20.49 14.67 -5.55
N SER A 24 19.32 15.07 -6.03
CA SER A 24 19.00 15.03 -7.44
C SER A 24 19.36 16.34 -8.10
N GLY A 25 19.87 17.28 -7.31
CA GLY A 25 20.22 18.60 -7.81
C GLY A 25 18.97 19.32 -8.28
N GLN A 26 17.87 19.01 -7.61
CA GLN A 26 16.52 19.49 -7.94
C GLN A 26 15.97 19.11 -9.29
N ASN A 27 16.39 17.98 -9.83
CA ASN A 27 15.67 17.47 -10.99
C ASN A 27 14.30 17.04 -10.47
N VAL A 28 14.24 16.74 -9.17
CA VAL A 28 13.01 16.43 -8.50
C VAL A 28 12.83 17.39 -7.35
N THR A 29 11.59 17.89 -7.21
CA THR A 29 11.31 18.79 -6.12
C THR A 29 10.03 18.26 -5.44
N CYS A 30 9.61 18.86 -4.33
CA CYS A 30 8.61 18.25 -3.46
C CYS A 30 7.41 19.11 -3.12
N ALA A 31 6.24 18.49 -3.16
CA ALA A 31 5.01 19.11 -2.69
C ALA A 31 4.50 18.16 -1.60
N THR A 32 3.79 18.66 -0.59
CA THR A 32 3.31 17.79 0.47
C THR A 32 1.85 17.98 0.76
N ALA A 33 1.17 16.89 1.05
CA ALA A 33 -0.24 16.94 1.42
C ALA A 33 -0.46 15.98 2.57
N SER A 34 -1.56 16.18 3.29
CA SER A 34 -1.87 15.36 4.45
C SER A 34 -2.43 13.99 4.08
N THR A 35 -2.97 13.86 2.87
CA THR A 35 -3.53 12.58 2.49
C THR A 35 -3.27 12.31 1.03
N THR A 36 -3.42 11.05 0.66
CA THR A 36 -3.21 10.65 -0.70
C THR A 36 -4.21 11.33 -1.60
N ASP A 37 -5.46 11.42 -1.14
CA ASP A 37 -6.49 12.09 -1.93
C ASP A 37 -6.12 13.54 -2.19
N ASP A 38 -5.55 14.22 -1.21
CA ASP A 38 -5.16 15.60 -1.43
C ASP A 38 -4.03 15.71 -2.43
N CYS A 39 -3.11 14.74 -2.40
CA CYS A 39 -2.03 14.68 -3.39
C CYS A 39 -2.57 14.49 -4.82
N ILE A 40 -3.63 13.71 -4.96
CA ILE A 40 -4.23 13.47 -6.29
C ILE A 40 -4.77 14.79 -6.87
N VAL A 41 -5.40 15.55 -6.00
CA VAL A 41 -5.90 16.86 -6.34
C VAL A 41 -4.79 17.82 -6.76
N LEU A 42 -3.65 17.80 -6.05
CA LEU A 42 -2.54 18.68 -6.45
C LEU A 42 -2.08 18.31 -7.85
N VAL A 43 -2.08 17.01 -8.12
CA VAL A 43 -1.67 16.52 -9.43
C VAL A 43 -2.65 16.98 -10.50
N LEU A 44 -3.95 16.89 -10.22
CA LEU A 44 -4.98 17.32 -11.15
C LEU A 44 -4.83 18.82 -11.43
N LYS A 45 -4.49 19.60 -10.41
CA LYS A 45 -4.36 21.05 -10.59
C LYS A 45 -3.09 21.44 -11.35
N GLY A 46 -2.16 20.50 -11.44
CA GLY A 46 -0.91 20.72 -12.12
C GLY A 46 0.11 21.30 -11.15
N GLU A 47 -0.16 21.22 -9.86
CA GLU A 47 0.73 21.75 -8.83
C GLU A 47 1.73 20.72 -8.37
N ALA A 48 1.46 19.46 -8.68
CA ALA A 48 2.41 18.37 -8.47
C ALA A 48 2.33 17.53 -9.77
N ASP A 49 3.35 16.72 -10.03
CA ASP A 49 3.39 15.89 -11.22
C ASP A 49 3.01 14.42 -11.01
N ALA A 50 3.41 13.86 -9.87
CA ALA A 50 3.33 12.40 -9.70
C ALA A 50 3.52 11.93 -8.29
N LEU A 51 3.10 10.69 -8.05
CA LEU A 51 3.36 9.99 -6.79
C LEU A 51 3.02 8.53 -7.06
N ASN A 52 3.47 7.66 -6.16
CA ASN A 52 3.31 6.23 -6.31
C ASN A 52 2.08 5.85 -5.52
N LEU A 53 1.20 5.05 -6.11
CA LEU A 53 -0.10 4.76 -5.49
C LEU A 53 -0.42 3.28 -5.38
N ASP A 54 -1.11 2.93 -4.30
CA ASP A 54 -1.67 1.60 -4.17
C ASP A 54 -2.84 1.49 -5.19
N GLY A 55 -3.11 0.30 -5.68
CA GLY A 55 -4.19 0.13 -6.66
C GLY A 55 -5.58 0.70 -6.35
N GLY A 56 -5.99 0.69 -5.09
CA GLY A 56 -7.27 1.28 -4.73
C GLY A 56 -7.26 2.78 -5.06
N TYR A 57 -6.12 3.43 -4.87
CA TYR A 57 -6.04 4.85 -5.20
C TYR A 57 -5.90 5.04 -6.71
N ILE A 58 -5.35 4.03 -7.39
CA ILE A 58 -5.20 4.17 -8.84
C ILE A 58 -6.58 4.22 -9.47
N TYR A 59 -7.51 3.49 -8.88
CA TYR A 59 -8.90 3.50 -9.33
C TYR A 59 -9.51 4.92 -9.19
N THR A 60 -9.29 5.56 -8.05
CA THR A 60 -9.73 6.94 -7.80
C THR A 60 -9.08 7.90 -8.82
N ALA A 61 -7.77 7.82 -8.92
CA ALA A 61 -6.99 8.70 -9.79
C ALA A 61 -7.41 8.50 -11.24
N GLY A 62 -7.68 7.25 -11.61
CA GLY A 62 -8.03 6.88 -12.96
C GLY A 62 -9.33 7.50 -13.44
N LYS A 63 -10.32 7.52 -12.54
CA LYS A 63 -11.63 8.10 -12.89
C LYS A 63 -11.47 9.60 -13.11
N CYS A 64 -10.46 10.21 -12.48
CA CYS A 64 -10.22 11.63 -12.66
C CYS A 64 -9.21 11.94 -13.77
N GLY A 65 -8.78 10.96 -14.61
CA GLY A 65 -7.90 11.25 -15.74
C GLY A 65 -6.43 10.86 -15.62
N LEU A 66 -6.00 10.50 -14.41
CA LEU A 66 -4.59 10.16 -14.20
C LEU A 66 -4.29 8.77 -14.78
N VAL A 67 -3.04 8.56 -15.17
CA VAL A 67 -2.63 7.31 -15.81
C VAL A 67 -1.42 6.69 -15.11
N PRO A 68 -1.35 5.37 -15.11
CA PRO A 68 -0.18 4.69 -14.57
C PRO A 68 0.99 4.90 -15.52
N VAL A 69 2.17 5.09 -14.97
CA VAL A 69 3.37 5.40 -15.75
C VAL A 69 4.42 4.28 -15.65
N LEU A 70 4.83 3.94 -14.42
CA LEU A 70 5.79 2.88 -14.13
C LEU A 70 5.24 2.12 -12.91
N ALA A 71 5.51 0.82 -12.81
CA ALA A 71 5.02 0.06 -11.67
C ALA A 71 6.16 -0.47 -10.80
N GLU A 72 5.94 -0.57 -9.50
CA GLU A 72 6.84 -1.28 -8.62
C GLU A 72 7.04 -2.73 -9.07
N ASN A 73 8.29 -3.13 -9.15
CA ASN A 73 8.69 -4.51 -9.37
C ASN A 73 9.56 -5.04 -8.25
N ARG A 74 9.15 -6.15 -7.69
CA ARG A 74 10.00 -6.73 -6.64
C ARG A 74 10.67 -7.97 -7.12
N LYS A 75 11.49 -8.52 -6.26
CA LYS A 75 12.28 -9.73 -6.54
C LYS A 75 11.45 -10.92 -7.03
N SER A 76 12.00 -11.67 -7.99
CA SER A 76 11.31 -12.86 -8.46
C SER A 76 12.26 -13.99 -8.84
N SER A 77 11.72 -15.21 -8.86
CA SER A 77 12.48 -16.38 -9.25
C SER A 77 12.39 -16.58 -10.77
N LYS A 78 11.19 -16.35 -11.35
CA LYS A 78 10.94 -16.51 -12.79
C LYS A 78 11.21 -15.22 -13.58
N HIS A 79 11.17 -15.33 -14.92
CA HIS A 79 11.51 -14.26 -15.89
C HIS A 79 12.94 -13.74 -15.66
N SER A 80 13.73 -14.52 -14.93
CA SER A 80 15.05 -14.07 -14.43
C SER A 80 16.10 -13.53 -15.40
N SER A 81 16.04 -13.95 -16.66
CA SER A 81 17.01 -13.45 -17.64
C SER A 81 16.74 -11.99 -17.97
N LEU A 82 15.47 -11.61 -17.91
CA LEU A 82 15.04 -10.25 -18.25
C LEU A 82 15.44 -9.21 -17.22
N ASP A 83 15.76 -8.02 -17.70
CA ASP A 83 16.12 -6.94 -16.79
C ASP A 83 14.89 -6.53 -16.00
N CYS A 84 15.10 -6.11 -14.76
CA CYS A 84 13.98 -5.72 -13.91
C CYS A 84 13.06 -4.70 -14.57
N VAL A 85 13.63 -3.69 -15.22
CA VAL A 85 12.82 -2.62 -15.81
C VAL A 85 11.90 -3.07 -16.92
N LEU A 86 12.25 -4.19 -17.54
CA LEU A 86 11.47 -4.75 -18.62
C LEU A 86 10.61 -5.95 -18.19
N ARG A 87 10.89 -6.49 -17.03
CA ARG A 87 10.19 -7.67 -16.53
C ARG A 87 8.72 -7.41 -16.20
N PRO A 88 7.85 -8.33 -16.60
CA PRO A 88 6.40 -8.19 -16.31
C PRO A 88 6.14 -8.17 -14.79
N THR A 89 5.14 -7.42 -14.32
CA THR A 89 4.86 -7.42 -12.87
C THR A 89 4.08 -8.66 -12.49
N GLU A 90 4.18 -9.07 -11.22
CA GLU A 90 3.51 -10.27 -10.74
C GLU A 90 2.33 -10.02 -9.79
N GLY A 91 2.36 -8.92 -9.06
CA GLY A 91 1.27 -8.64 -8.16
C GLY A 91 1.59 -9.17 -6.77
N TYR A 92 0.88 -8.71 -5.77
CA TYR A 92 1.16 -9.25 -4.47
C TYR A 92 -0.05 -9.97 -3.93
N LEU A 93 0.19 -10.77 -2.90
CA LEU A 93 -0.90 -11.55 -2.33
C LEU A 93 -1.49 -10.82 -1.17
N ALA A 94 -2.79 -10.57 -1.20
CA ALA A 94 -3.46 -9.98 -0.06
C ALA A 94 -3.80 -11.12 0.92
N VAL A 95 -3.41 -10.98 2.19
CA VAL A 95 -3.70 -12.02 3.17
C VAL A 95 -4.37 -11.47 4.42
N ALA A 96 -4.98 -12.38 5.20
CA ALA A 96 -5.55 -12.04 6.49
C ALA A 96 -4.69 -12.81 7.50
N VAL A 97 -4.11 -12.11 8.46
CA VAL A 97 -3.16 -12.71 9.38
C VAL A 97 -3.60 -12.64 10.84
N VAL A 98 -3.38 -13.73 11.58
CA VAL A 98 -3.74 -13.75 12.98
C VAL A 98 -2.62 -14.39 13.81
N LYS A 99 -2.71 -14.26 15.12
CA LYS A 99 -1.75 -14.89 16.02
C LYS A 99 -2.14 -16.36 16.18
N LYS A 100 -1.18 -17.27 16.08
CA LYS A 100 -1.41 -18.71 16.32
C LYS A 100 -2.17 -18.95 17.65
N ALA A 101 -1.74 -18.25 18.68
CA ALA A 101 -2.34 -18.35 20.02
C ALA A 101 -3.84 -18.05 20.08
N ASN A 102 -4.34 -17.29 19.11
CA ASN A 102 -5.74 -16.97 19.03
C ASN A 102 -6.34 -18.17 18.29
N GLU A 103 -6.51 -19.27 19.03
CA GLU A 103 -6.95 -20.53 18.46
C GLU A 103 -8.42 -20.49 18.10
N GLY A 104 -8.81 -21.25 17.10
CA GLY A 104 -10.22 -21.26 16.74
C GLY A 104 -10.79 -20.04 16.02
N LEU A 105 -9.96 -19.01 15.83
CA LEU A 105 -10.39 -17.86 15.04
C LEU A 105 -10.18 -18.22 13.56
N THR A 106 -11.23 -18.17 12.74
CA THR A 106 -11.09 -18.47 11.32
C THR A 106 -11.84 -17.42 10.54
N TRP A 107 -11.78 -17.51 9.21
CA TRP A 107 -12.50 -16.57 8.34
C TRP A 107 -13.96 -16.45 8.76
N ASN A 108 -14.57 -17.59 9.12
CA ASN A 108 -15.99 -17.65 9.48
C ASN A 108 -16.34 -17.20 10.89
N SER A 109 -15.35 -16.89 11.73
CA SER A 109 -15.68 -16.37 13.05
C SER A 109 -15.11 -14.96 13.27
N LEU A 110 -14.92 -14.21 12.18
CA LEU A 110 -14.35 -12.86 12.24
C LEU A 110 -15.34 -11.81 12.77
N LYS A 111 -16.63 -12.10 12.62
CA LYS A 111 -17.68 -11.21 13.13
C LYS A 111 -17.43 -10.80 14.60
N ASP A 112 -17.56 -9.50 14.87
CA ASP A 112 -17.38 -8.92 16.20
C ASP A 112 -15.96 -8.99 16.75
N LYS A 113 -14.98 -9.35 15.94
CA LYS A 113 -13.60 -9.30 16.43
C LYS A 113 -13.04 -7.89 16.14
N LYS A 114 -11.75 -7.71 16.38
CA LYS A 114 -11.04 -6.44 16.23
C LYS A 114 -10.09 -6.47 15.02
N SER A 115 -10.18 -5.46 14.14
CA SER A 115 -9.44 -5.57 12.91
C SER A 115 -8.38 -4.47 12.72
N CYS A 116 -7.33 -4.78 11.97
CA CYS A 116 -6.26 -3.82 11.65
C CYS A 116 -6.17 -3.73 10.13
N HIS A 117 -6.37 -2.52 9.59
CA HIS A 117 -6.40 -2.24 8.14
C HIS A 117 -5.31 -1.22 7.76
N THR A 118 -4.78 -1.30 6.54
CA THR A 118 -3.70 -0.37 6.16
C THR A 118 -4.22 1.05 6.07
N ALA A 119 -5.38 1.20 5.43
CA ALA A 119 -6.12 2.48 5.30
C ALA A 119 -7.39 2.19 4.52
N VAL A 120 -8.42 2.99 4.74
CA VAL A 120 -9.63 2.90 3.88
C VAL A 120 -9.21 3.12 2.43
N ASP A 121 -9.88 2.41 1.52
CA ASP A 121 -9.66 2.56 0.06
C ASP A 121 -8.44 1.85 -0.52
N ARG A 122 -7.63 1.21 0.31
CA ARG A 122 -6.45 0.52 -0.20
C ARG A 122 -6.80 -0.94 -0.55
N THR A 123 -6.00 -1.58 -1.40
CA THR A 123 -6.32 -2.93 -1.88
C THR A 123 -6.38 -4.06 -0.83
N ALA A 124 -5.26 -4.35 -0.20
CA ALA A 124 -5.21 -5.45 0.74
C ALA A 124 -5.82 -5.07 2.07
N GLY A 125 -5.75 -3.81 2.43
CA GLY A 125 -6.21 -3.43 3.75
C GLY A 125 -7.69 -3.19 3.83
N TRP A 126 -8.32 -2.98 2.67
CA TRP A 126 -9.71 -2.54 2.67
C TRP A 126 -10.59 -3.09 1.54
N ASN A 127 -10.25 -2.78 0.30
CA ASN A 127 -11.11 -3.15 -0.80
C ASN A 127 -11.38 -4.65 -0.93
N ILE A 128 -10.34 -5.47 -0.77
CA ILE A 128 -10.48 -6.91 -0.91
C ILE A 128 -11.25 -7.51 0.28
N PRO A 129 -10.80 -7.30 1.51
CA PRO A 129 -11.51 -7.89 2.64
C PRO A 129 -12.93 -7.35 2.83
N MET A 130 -13.14 -6.04 2.70
CA MET A 130 -14.50 -5.51 2.87
C MET A 130 -15.43 -5.90 1.72
N GLY A 131 -14.89 -6.00 0.51
CA GLY A 131 -15.65 -6.44 -0.64
C GLY A 131 -16.13 -7.87 -0.43
N LEU A 132 -15.24 -8.74 0.05
CA LEU A 132 -15.60 -10.11 0.39
C LEU A 132 -16.62 -10.20 1.52
N ILE A 133 -16.43 -9.37 2.54
CA ILE A 133 -17.33 -9.37 3.68
C ILE A 133 -18.71 -8.85 3.31
N VAL A 134 -18.77 -7.81 2.49
CA VAL A 134 -20.04 -7.29 2.01
C VAL A 134 -20.77 -8.38 1.19
N ASN A 135 -20.04 -9.03 0.28
CA ASN A 135 -20.61 -10.08 -0.57
C ASN A 135 -21.17 -11.24 0.21
N GLN A 136 -20.36 -11.79 1.12
CA GLN A 136 -20.82 -12.95 1.87
C GLN A 136 -21.79 -12.61 2.95
N THR A 137 -21.88 -11.31 3.39
CA THR A 137 -22.92 -10.97 4.42
C THR A 137 -24.14 -10.37 3.70
N GLY A 138 -24.00 -9.83 2.47
CA GLY A 138 -25.21 -9.36 1.75
C GLY A 138 -25.70 -8.06 2.37
N SER A 139 -24.79 -7.32 2.98
CA SER A 139 -25.14 -6.07 3.66
C SER A 139 -24.02 -5.05 3.46
N CYS A 140 -24.38 -3.78 3.37
CA CYS A 140 -23.40 -2.71 3.17
C CYS A 140 -22.89 -2.13 4.48
N ALA A 141 -23.30 -2.73 5.58
CA ALA A 141 -22.91 -2.21 6.89
C ALA A 141 -21.53 -2.71 7.34
N PHE A 142 -20.52 -2.58 6.49
CA PHE A 142 -19.17 -3.00 6.85
C PHE A 142 -18.65 -2.26 8.08
N ASP A 143 -19.35 -1.22 8.50
CA ASP A 143 -18.95 -0.48 9.68
C ASP A 143 -19.45 -1.13 10.96
N GLU A 144 -20.33 -2.11 10.81
CA GLU A 144 -20.88 -2.79 11.97
C GLU A 144 -20.36 -4.22 12.11
N PHE A 145 -19.50 -4.66 11.19
CA PHE A 145 -18.99 -6.03 11.21
C PHE A 145 -17.97 -6.33 12.31
N PHE A 146 -16.90 -5.54 12.37
CA PHE A 146 -15.91 -5.72 13.41
C PHE A 146 -16.36 -4.87 14.60
N SER A 147 -16.07 -5.33 15.82
CA SER A 147 -16.48 -4.57 17.00
C SER A 147 -15.71 -3.26 17.09
N GLN A 148 -14.42 -3.32 16.82
CA GLN A 148 -13.53 -2.16 16.85
C GLN A 148 -12.47 -2.39 15.79
N SER A 149 -11.98 -1.31 15.20
CA SER A 149 -10.92 -1.39 14.17
C SER A 149 -9.99 -0.20 14.19
N CYS A 150 -8.88 -0.33 13.45
CA CYS A 150 -8.06 0.82 13.07
C CYS A 150 -8.05 0.76 11.54
N ALA A 151 -8.74 1.70 10.91
CA ALA A 151 -8.84 1.83 9.46
C ALA A 151 -8.60 3.29 9.14
N PRO A 152 -7.33 3.68 9.02
CA PRO A 152 -6.99 5.09 8.77
C PRO A 152 -7.80 5.67 7.62
N GLY A 153 -8.35 6.88 7.82
CA GLY A 153 -9.17 7.52 6.83
C GLY A 153 -10.66 7.47 7.14
N ALA A 154 -11.05 6.67 8.12
CA ALA A 154 -12.46 6.65 8.52
C ALA A 154 -12.74 7.77 9.54
N ASP A 155 -13.98 7.92 9.95
CA ASP A 155 -14.34 8.96 10.91
C ASP A 155 -13.68 8.64 12.24
N PRO A 156 -12.88 9.56 12.74
CA PRO A 156 -12.14 9.37 13.98
C PRO A 156 -13.01 9.07 15.21
N LYS A 157 -14.29 9.44 15.20
CA LYS A 157 -15.11 9.12 16.35
C LYS A 157 -15.91 7.82 16.16
N SER A 158 -15.75 7.16 15.02
CA SER A 158 -16.40 5.90 14.74
C SER A 158 -15.63 4.70 15.25
N ARG A 159 -16.30 3.54 15.33
CA ARG A 159 -15.67 2.29 15.74
C ARG A 159 -14.51 1.92 14.84
N LEU A 160 -14.58 2.34 13.57
CA LEU A 160 -13.50 2.05 12.62
C LEU A 160 -12.15 2.72 12.97
N CYS A 161 -12.15 3.68 13.89
CA CYS A 161 -10.90 4.36 14.30
C CYS A 161 -10.58 4.11 15.76
N ALA A 162 -11.38 3.29 16.43
CA ALA A 162 -11.23 3.14 17.88
C ALA A 162 -9.87 2.61 18.28
N LEU A 163 -9.28 1.80 17.42
CA LEU A 163 -8.01 1.20 17.76
C LEU A 163 -6.79 1.98 17.28
N CYS A 164 -6.99 2.99 16.42
CA CYS A 164 -5.91 3.85 15.93
C CYS A 164 -5.31 4.61 17.08
N ALA A 165 -4.01 4.89 17.02
CA ALA A 165 -3.35 5.52 18.16
C ALA A 165 -2.81 6.92 17.91
N GLY A 166 -2.80 7.36 16.65
CA GLY A 166 -2.23 8.67 16.39
C GLY A 166 -0.70 8.67 16.51
N ASP A 167 -0.13 9.85 16.73
CA ASP A 167 1.32 10.00 16.73
C ASP A 167 1.91 9.88 18.13
N ASP A 168 3.18 10.24 18.28
CA ASP A 168 3.85 10.10 19.57
C ASP A 168 3.15 10.85 20.67
N GLN A 169 2.38 11.87 20.30
CA GLN A 169 1.64 12.66 21.27
C GLN A 169 0.14 12.37 21.31
N GLY A 170 -0.33 11.42 20.53
CA GLY A 170 -1.77 11.18 20.49
C GLY A 170 -2.53 12.05 19.51
N LEU A 171 -1.82 12.90 18.77
CA LEU A 171 -2.50 13.74 17.78
C LEU A 171 -2.68 12.94 16.50
N ASP A 172 -3.58 13.40 15.65
CA ASP A 172 -3.74 12.85 14.31
C ASP A 172 -4.23 11.43 14.33
N LYS A 173 -4.97 11.07 15.37
CA LYS A 173 -5.52 9.72 15.43
C LYS A 173 -6.31 9.42 14.15
N CYS A 174 -6.03 8.27 13.57
CA CYS A 174 -6.69 7.74 12.39
C CYS A 174 -6.41 8.49 11.07
N VAL A 175 -5.43 9.37 11.03
CA VAL A 175 -5.15 10.02 9.76
C VAL A 175 -4.52 8.97 8.85
N PRO A 176 -4.85 9.04 7.57
CA PRO A 176 -4.25 8.12 6.59
C PRO A 176 -2.88 8.59 6.07
N ASN A 177 -1.92 8.69 6.97
CA ASN A 177 -0.53 8.94 6.62
C ASN A 177 0.29 8.34 7.77
N SER A 178 1.60 8.29 7.58
CA SER A 178 2.49 7.58 8.50
C SER A 178 2.66 8.21 9.86
N LYS A 179 2.03 9.36 10.09
CA LYS A 179 1.99 9.89 11.45
C LYS A 179 1.13 8.98 12.33
N GLU A 180 0.15 8.30 11.76
CA GLU A 180 -0.69 7.37 12.53
C GLU A 180 0.13 6.09 12.75
N LYS A 181 0.32 5.73 14.01
CA LYS A 181 1.09 4.56 14.39
C LYS A 181 0.70 3.26 13.68
N TYR A 182 -0.60 3.03 13.50
CA TYR A 182 -1.04 1.80 12.83
C TYR A 182 -1.39 1.96 11.34
N TYR A 183 -0.79 2.94 10.67
CA TYR A 183 -1.06 3.17 9.24
C TYR A 183 -0.23 2.28 8.32
N GLY A 184 -0.81 1.88 7.18
CA GLY A 184 -0.03 1.16 6.16
C GLY A 184 0.22 -0.31 6.42
N TYR A 185 1.00 -0.94 5.54
CA TYR A 185 1.30 -2.35 5.70
C TYR A 185 1.95 -2.62 7.05
N THR A 186 2.96 -1.82 7.40
CA THR A 186 3.72 -2.08 8.63
C THR A 186 2.89 -1.75 9.87
N GLY A 187 2.13 -0.65 9.82
CA GLY A 187 1.30 -0.24 10.94
C GLY A 187 0.19 -1.25 11.25
N ALA A 188 -0.46 -1.76 10.20
CA ALA A 188 -1.50 -2.75 10.42
C ALA A 188 -0.90 -4.03 10.99
N PHE A 189 0.25 -4.44 10.49
CA PHE A 189 0.89 -5.62 11.06
C PHE A 189 1.25 -5.39 12.53
N ARG A 190 1.81 -4.20 12.82
CA ARG A 190 2.14 -3.85 14.19
C ARG A 190 0.91 -3.86 15.09
N CYS A 191 -0.21 -3.38 14.56
CA CYS A 191 -1.49 -3.39 15.28
C CYS A 191 -1.86 -4.83 15.68
N LEU A 192 -1.51 -5.79 14.82
CA LEU A 192 -1.79 -7.19 15.14
C LEU A 192 -0.72 -7.70 16.12
N ALA A 193 0.54 -7.41 15.81
CA ALA A 193 1.63 -7.89 16.65
C ALA A 193 1.50 -7.50 18.13
N GLU A 194 1.00 -6.30 18.41
CA GLU A 194 0.85 -5.81 19.76
C GLU A 194 -0.46 -6.26 20.37
N ASP A 195 -1.17 -7.13 19.67
CA ASP A 195 -2.46 -7.62 20.16
C ASP A 195 -3.53 -6.53 20.37
N VAL A 196 -3.39 -5.43 19.65
CA VAL A 196 -4.43 -4.41 19.66
C VAL A 196 -5.61 -4.96 18.85
N GLY A 197 -5.32 -5.67 17.77
CA GLY A 197 -6.38 -6.27 16.98
C GLY A 197 -6.25 -7.77 16.92
N ASP A 198 -7.31 -8.45 16.50
CA ASP A 198 -7.27 -9.93 16.28
C ASP A 198 -6.77 -10.36 14.90
N VAL A 199 -6.95 -9.48 13.92
CA VAL A 199 -6.64 -9.80 12.53
C VAL A 199 -6.07 -8.58 11.80
N ALA A 200 -5.08 -8.80 10.95
CA ALA A 200 -4.52 -7.72 10.12
C ALA A 200 -4.66 -8.07 8.64
N PHE A 201 -5.09 -7.10 7.87
CA PHE A 201 -5.27 -7.26 6.43
C PHE A 201 -4.12 -6.60 5.70
N VAL A 202 -3.15 -7.46 5.46
CA VAL A 202 -1.96 -7.01 4.81
C VAL A 202 -1.63 -7.86 3.59
N LYS A 203 -0.36 -7.81 3.18
CA LYS A 203 0.17 -8.54 2.08
C LYS A 203 1.17 -9.55 2.63
N ASN A 204 1.33 -10.63 1.86
CA ASN A 204 2.23 -11.70 2.25
C ASN A 204 3.58 -11.19 2.68
N ASP A 205 4.13 -10.26 1.91
CA ASP A 205 5.49 -9.79 2.17
C ASP A 205 5.71 -9.17 3.55
N THR A 206 4.68 -8.48 4.02
CA THR A 206 4.76 -7.76 5.28
C THR A 206 5.11 -8.70 6.42
N VAL A 207 4.46 -9.85 6.46
CA VAL A 207 4.72 -10.83 7.51
C VAL A 207 6.20 -11.22 7.51
N TRP A 208 6.75 -11.55 6.34
CA TRP A 208 8.15 -11.95 6.24
C TRP A 208 9.17 -10.86 6.60
N GLU A 209 8.90 -9.62 6.23
CA GLU A 209 9.86 -8.52 6.42
C GLU A 209 9.85 -7.98 7.84
N ASN A 210 8.91 -8.48 8.62
CA ASN A 210 8.83 -7.99 9.99
C ASN A 210 8.94 -9.04 11.09
N THR A 211 9.48 -10.21 10.74
CA THR A 211 9.63 -11.31 11.67
C THR A 211 11.00 -11.98 11.52
N ASN A 212 11.34 -12.83 12.47
CA ASN A 212 12.58 -13.60 12.43
C ASN A 212 13.82 -12.73 12.21
N GLY A 213 13.87 -11.58 12.88
CA GLY A 213 15.00 -10.68 12.80
C GLY A 213 15.14 -9.86 11.52
N GLU A 214 14.16 -9.90 10.63
CA GLU A 214 14.25 -9.14 9.38
C GLU A 214 14.10 -7.64 9.65
N SER A 215 13.43 -7.31 10.74
CA SER A 215 13.30 -5.92 11.15
C SER A 215 13.91 -5.75 12.54
N THR A 216 14.62 -4.65 12.76
CA THR A 216 15.21 -4.34 14.06
C THR A 216 14.31 -3.48 14.95
N ALA A 217 13.18 -3.02 14.39
CA ALA A 217 12.22 -2.22 15.15
C ALA A 217 11.96 -2.91 16.47
N ASP A 218 11.92 -2.11 17.54
CA ASP A 218 11.71 -2.66 18.88
C ASP A 218 10.43 -3.49 19.00
N TRP A 219 9.40 -3.18 18.26
CA TRP A 219 8.16 -3.93 18.39
C TRP A 219 8.24 -5.25 17.64
N ALA A 220 9.12 -5.31 16.64
CA ALA A 220 9.21 -6.48 15.77
C ALA A 220 10.39 -7.44 15.95
N LYS A 221 11.47 -6.98 16.58
CA LYS A 221 12.67 -7.80 16.76
C LYS A 221 12.45 -9.21 17.35
N ASN A 222 11.48 -9.37 18.24
CA ASN A 222 11.21 -10.68 18.84
C ASN A 222 10.07 -11.46 18.17
N LEU A 223 9.59 -10.98 17.02
CA LEU A 223 8.51 -11.67 16.35
C LEU A 223 9.00 -12.85 15.51
N LYS A 224 8.33 -14.03 15.67
CA LYS A 224 8.66 -15.22 14.86
C LYS A 224 7.47 -15.58 13.96
N ARG A 225 7.78 -15.95 12.75
CA ARG A 225 6.73 -16.31 11.82
C ARG A 225 5.86 -17.46 12.27
N GLU A 226 6.40 -18.32 13.13
CA GLU A 226 5.65 -19.48 13.54
C GLU A 226 4.51 -19.10 14.46
N ASP A 227 4.59 -17.90 15.04
CA ASP A 227 3.56 -17.44 15.95
C ASP A 227 2.36 -16.81 15.22
N PHE A 228 2.38 -16.85 13.89
CA PHE A 228 1.31 -16.30 13.07
C PHE A 228 0.66 -17.33 12.15
N ARG A 229 -0.61 -17.12 11.80
CA ARG A 229 -1.31 -17.97 10.85
C ARG A 229 -2.11 -17.14 9.85
N LEU A 230 -2.29 -17.66 8.65
CA LEU A 230 -3.11 -17.03 7.62
C LEU A 230 -4.51 -17.62 7.64
N LEU A 231 -5.52 -16.77 7.42
CA LEU A 231 -6.90 -17.24 7.33
C LEU A 231 -7.22 -17.47 5.87
N CYS A 232 -7.69 -18.69 5.54
CA CYS A 232 -8.02 -19.05 4.17
C CYS A 232 -9.50 -18.91 3.99
N LEU A 233 -9.94 -18.64 2.76
CA LEU A 233 -11.35 -18.46 2.49
C LEU A 233 -12.17 -19.72 2.73
N ASP A 234 -11.52 -20.87 2.79
CA ASP A 234 -12.21 -22.16 3.01
C ASP A 234 -12.38 -22.50 4.49
N GLY A 235 -11.96 -21.59 5.37
CA GLY A 235 -12.09 -21.79 6.80
C GLY A 235 -10.92 -22.45 7.48
N THR A 236 -9.84 -22.71 6.77
CA THR A 236 -8.68 -23.32 7.39
C THR A 236 -7.73 -22.23 7.86
N ARG A 237 -6.75 -22.66 8.64
CA ARG A 237 -5.66 -21.82 9.09
C ARG A 237 -4.42 -22.47 8.56
N LYS A 238 -3.51 -21.67 8.02
CA LYS A 238 -2.29 -22.22 7.50
C LYS A 238 -1.12 -21.37 7.95
N PRO A 239 0.06 -21.99 7.98
CA PRO A 239 1.30 -21.27 8.23
C PRO A 239 1.57 -20.27 7.12
N VAL A 240 2.39 -19.27 7.42
CA VAL A 240 2.67 -18.18 6.51
C VAL A 240 3.49 -18.61 5.31
N THR A 241 3.99 -19.84 5.33
CA THR A 241 4.69 -20.42 4.18
C THR A 241 3.72 -20.78 3.05
N GLU A 242 2.44 -20.84 3.37
CA GLU A 242 1.44 -21.32 2.40
C GLU A 242 0.62 -20.24 1.75
N ALA A 243 1.17 -19.04 1.59
CA ALA A 243 0.37 -17.94 1.07
C ALA A 243 -0.13 -18.18 -0.35
N GLN A 244 0.60 -18.98 -1.12
CA GLN A 244 0.18 -19.28 -2.49
C GLN A 244 -1.15 -20.03 -2.51
N SER A 245 -1.48 -20.78 -1.46
CA SER A 245 -2.76 -21.49 -1.43
C SER A 245 -3.73 -20.93 -0.41
N CYS A 246 -3.37 -19.81 0.21
CA CYS A 246 -4.21 -19.27 1.26
C CYS A 246 -4.15 -17.73 1.29
N HIS A 247 -4.63 -17.10 0.21
CA HIS A 247 -4.68 -15.64 0.13
C HIS A 247 -6.11 -15.22 -0.22
N LEU A 248 -6.41 -13.93 -0.04
CA LEU A 248 -7.73 -13.42 -0.36
C LEU A 248 -7.80 -12.99 -1.81
N ALA A 249 -6.68 -12.59 -2.40
CA ALA A 249 -6.66 -12.22 -3.81
C ALA A 249 -5.24 -11.85 -4.22
N VAL A 250 -5.00 -11.75 -5.56
CA VAL A 250 -3.74 -11.25 -6.14
C VAL A 250 -3.91 -9.77 -6.47
N ALA A 251 -3.19 -8.84 -5.79
CA ALA A 251 -3.35 -7.42 -6.08
C ALA A 251 -2.38 -6.94 -7.14
N PRO A 252 -2.80 -5.91 -7.93
CA PRO A 252 -1.86 -5.26 -8.86
C PRO A 252 -0.82 -4.40 -8.10
N ASN A 253 0.43 -4.42 -8.56
CA ASN A 253 1.43 -3.70 -7.85
C ASN A 253 1.18 -2.21 -7.76
N HIS A 254 1.71 -1.56 -6.72
CA HIS A 254 1.64 -0.09 -6.60
C HIS A 254 2.37 0.46 -7.83
N ALA A 255 1.90 1.60 -8.31
CA ALA A 255 2.42 2.21 -9.53
C ALA A 255 2.43 3.73 -9.42
N VAL A 256 3.36 4.34 -10.14
CA VAL A 256 3.43 5.77 -10.26
C VAL A 256 2.38 6.25 -11.25
N VAL A 257 1.63 7.27 -10.86
CA VAL A 257 0.65 7.89 -11.75
C VAL A 257 0.94 9.34 -11.96
N SER A 258 0.43 9.85 -13.07
CA SER A 258 0.55 11.25 -13.38
C SER A 258 -0.58 11.68 -14.28
N ARG A 259 -0.67 12.99 -14.50
CA ARG A 259 -1.59 13.48 -15.50
C ARG A 259 -1.15 12.94 -16.86
N SER A 260 -2.11 12.58 -17.70
CA SER A 260 -1.79 12.03 -19.00
C SER A 260 -0.85 12.90 -19.80
N ASP A 261 -1.03 14.20 -19.68
CA ASP A 261 -0.24 15.11 -20.47
C ASP A 261 1.21 15.25 -19.98
N ARG A 262 1.52 14.74 -18.77
CA ARG A 262 2.85 14.83 -18.20
C ARG A 262 3.57 13.47 -18.16
N ALA A 263 2.89 12.41 -18.59
CA ALA A 263 3.38 11.02 -18.45
C ALA A 263 4.75 10.72 -19.03
N ALA A 264 4.96 11.13 -20.28
CA ALA A 264 6.21 10.87 -20.97
C ALA A 264 7.35 11.52 -20.24
N HIS A 265 7.11 12.68 -19.80
CA HIS A 265 8.08 13.44 -19.07
C HIS A 265 8.46 12.84 -17.73
N VAL A 266 7.43 12.46 -16.98
CA VAL A 266 7.65 11.84 -15.69
C VAL A 266 8.42 10.53 -15.85
N GLU A 267 8.04 9.72 -16.83
CA GLU A 267 8.72 8.45 -17.08
C GLU A 267 10.22 8.61 -17.32
N GLN A 268 10.59 9.52 -18.23
CA GLN A 268 11.99 9.81 -18.56
C GLN A 268 12.84 10.17 -17.32
N VAL A 269 12.38 11.16 -16.57
CA VAL A 269 13.07 11.56 -15.35
C VAL A 269 13.23 10.39 -14.35
N LEU A 270 12.16 9.65 -14.10
CA LEU A 270 12.23 8.56 -13.12
C LEU A 270 13.17 7.43 -13.52
N LEU A 271 13.17 7.07 -14.80
CA LEU A 271 14.10 6.05 -15.27
C LEU A 271 15.54 6.49 -14.99
N HIS A 272 15.85 7.77 -15.20
CA HIS A 272 17.20 8.30 -14.89
C HIS A 272 17.49 8.30 -13.39
N GLN A 273 16.52 8.76 -12.61
CA GLN A 273 16.66 8.76 -11.16
C GLN A 273 16.95 7.39 -10.58
N GLN A 274 16.27 6.35 -11.08
CA GLN A 274 16.50 5.02 -10.53
C GLN A 274 17.87 4.46 -10.94
N ALA A 275 18.39 4.91 -12.07
CA ALA A 275 19.72 4.49 -12.52
C ALA A 275 20.70 5.04 -11.49
N LEU A 276 20.38 6.19 -10.92
CA LEU A 276 21.20 6.84 -9.91
C LEU A 276 20.99 6.34 -8.47
N PHE A 277 19.75 6.26 -8.02
CA PHE A 277 19.48 5.94 -6.61
C PHE A 277 18.72 4.63 -6.38
N GLY A 278 18.47 3.90 -7.47
CA GLY A 278 17.81 2.61 -7.42
C GLY A 278 18.65 1.50 -6.80
N LYS A 279 18.14 0.27 -6.89
CA LYS A 279 18.77 -0.88 -6.26
C LYS A 279 20.25 -1.07 -6.57
N ASN A 280 20.63 -0.99 -7.85
CA ASN A 280 22.04 -1.12 -8.18
C ASN A 280 22.66 0.22 -8.60
N GLY A 281 22.04 1.30 -8.14
CA GLY A 281 22.38 2.63 -8.62
C GLY A 281 23.73 3.25 -8.31
N LYS A 282 24.15 4.12 -9.22
CA LYS A 282 25.41 4.85 -9.13
C LYS A 282 25.69 5.33 -7.73
N ASN A 283 24.63 5.74 -7.04
CA ASN A 283 24.76 6.42 -5.79
C ASN A 283 24.05 5.83 -4.59
N CYS A 284 23.57 4.62 -4.70
CA CYS A 284 23.02 3.91 -3.56
C CYS A 284 23.94 2.77 -3.32
N PRO A 285 24.41 2.58 -2.10
CA PRO A 285 23.83 3.17 -0.93
C PRO A 285 24.75 4.22 -0.43
N ASP A 286 25.78 4.50 -1.21
CA ASP A 286 26.67 5.62 -0.98
C ASP A 286 26.04 6.89 -0.49
N LYS A 287 25.23 7.53 -1.32
CA LYS A 287 24.63 8.81 -0.97
C LYS A 287 23.14 8.75 -0.62
N PHE A 288 22.36 8.11 -1.48
CA PHE A 288 20.92 8.07 -1.25
C PHE A 288 20.30 6.88 -1.95
N CYS A 289 19.41 6.19 -1.24
CA CYS A 289 18.72 5.04 -1.81
C CYS A 289 17.23 5.34 -1.86
N LEU A 290 16.71 5.43 -3.07
CA LEU A 290 15.33 5.76 -3.28
C LEU A 290 14.39 4.72 -2.67
N PHE A 291 14.78 3.45 -2.67
CA PHE A 291 13.89 2.40 -2.22
C PHE A 291 14.14 1.92 -0.78
N LYS A 292 14.72 2.76 0.03
CA LYS A 292 14.94 2.40 1.41
C LYS A 292 14.52 3.53 2.34
N SER A 293 13.86 3.10 3.44
CA SER A 293 13.36 3.92 4.50
C SER A 293 13.30 3.08 5.77
N GLU A 294 14.01 1.98 5.89
CA GLU A 294 13.99 1.25 7.17
C GLU A 294 12.57 0.73 7.60
N THR A 295 11.94 -0.10 6.71
CA THR A 295 10.63 -0.78 6.84
C THR A 295 9.48 0.18 7.01
N LYS A 296 9.70 1.42 6.64
CA LYS A 296 8.63 2.39 6.73
C LYS A 296 7.91 2.59 5.40
N ASN A 297 8.43 2.02 4.32
CA ASN A 297 7.78 2.12 3.00
C ASN A 297 7.40 3.55 2.63
N LEU A 298 8.35 4.48 2.74
CA LEU A 298 8.10 5.90 2.45
C LEU A 298 8.35 6.17 0.97
N LEU A 299 7.34 6.72 0.29
CA LEU A 299 7.33 7.00 -1.18
C LEU A 299 7.17 5.76 -2.03
N PHE A 300 7.95 4.72 -1.73
CA PHE A 300 7.90 3.46 -2.47
C PHE A 300 7.99 2.39 -1.42
N ASN A 301 7.59 1.17 -1.75
CA ASN A 301 7.78 0.07 -0.83
C ASN A 301 9.29 -0.25 -0.70
N ASP A 302 9.72 -0.61 0.50
CA ASP A 302 11.11 -0.96 0.71
C ASP A 302 11.54 -2.22 -0.04
N ASN A 303 10.61 -3.11 -0.39
CA ASN A 303 11.02 -4.28 -1.15
C ASN A 303 11.14 -4.07 -2.66
N THR A 304 10.92 -2.83 -3.13
CA THR A 304 11.01 -2.56 -4.56
C THR A 304 12.42 -2.76 -5.12
N GLU A 305 12.52 -3.55 -6.19
CA GLU A 305 13.78 -3.80 -6.87
C GLU A 305 13.97 -2.71 -7.93
N CYS A 306 12.90 -2.40 -8.66
CA CYS A 306 12.93 -1.29 -9.61
C CYS A 306 11.53 -0.85 -9.95
N LEU A 307 11.46 0.23 -10.70
CA LEU A 307 10.23 0.69 -11.30
C LEU A 307 10.30 0.18 -12.74
N ALA A 308 9.23 -0.48 -13.18
CA ALA A 308 9.22 -1.16 -14.47
C ALA A 308 8.27 -0.50 -15.47
N LYS A 309 8.64 -0.60 -16.74
CA LYS A 309 7.83 -0.07 -17.81
C LYS A 309 6.63 -0.96 -17.96
N LEU A 310 5.50 -0.38 -18.35
CA LEU A 310 4.26 -1.14 -18.43
C LEU A 310 4.06 -1.90 -19.75
N GLY A 311 3.88 -1.27 -20.88
CA GLY A 311 3.82 -2.09 -22.09
C GLY A 311 2.39 -2.59 -22.33
N GLY A 312 1.91 -2.27 -23.50
CA GLY A 312 0.54 -2.46 -23.83
C GLY A 312 0.04 -1.07 -23.52
N ARG A 313 0.95 -0.29 -22.87
CA ARG A 313 0.64 1.11 -22.47
C ARG A 313 -0.75 1.14 -21.86
N PRO A 314 -0.87 0.65 -20.60
CA PRO A 314 -2.26 0.56 -20.00
C PRO A 314 -3.12 1.72 -19.84
N THR A 315 -4.38 1.44 -19.79
CA THR A 315 -5.26 2.46 -19.29
C THR A 315 -5.32 2.04 -17.82
N TYR A 316 -5.89 2.83 -16.95
CA TYR A 316 -5.93 2.41 -15.56
C TYR A 316 -6.79 1.14 -15.37
N GLU A 317 -7.85 1.00 -16.18
CA GLU A 317 -8.71 -0.18 -16.08
C GLU A 317 -7.99 -1.45 -16.48
N GLU A 318 -7.19 -1.37 -17.55
CA GLU A 318 -6.41 -2.53 -18.00
C GLU A 318 -5.30 -2.85 -17.00
N TYR A 319 -4.71 -1.82 -16.40
CA TYR A 319 -3.63 -2.03 -15.43
C TYR A 319 -4.16 -2.77 -14.19
N LEU A 320 -5.30 -2.33 -13.68
CA LEU A 320 -5.87 -2.92 -12.50
C LEU A 320 -6.45 -4.31 -12.80
N GLY A 321 -7.01 -4.48 -14.00
CA GLY A 321 -7.61 -5.75 -14.45
C GLY A 321 -9.11 -5.76 -14.28
N THR A 322 -9.90 -6.43 -15.15
CA THR A 322 -11.36 -6.43 -14.96
C THR A 322 -11.79 -7.11 -13.68
N GLU A 323 -11.01 -8.10 -13.17
CA GLU A 323 -11.43 -8.75 -11.94
C GLU A 323 -11.42 -7.72 -10.80
N TYR A 324 -10.31 -7.00 -10.65
CA TYR A 324 -10.24 -6.03 -9.55
C TYR A 324 -11.19 -4.85 -9.71
N VAL A 325 -11.33 -4.33 -10.92
CA VAL A 325 -12.19 -3.18 -11.15
C VAL A 325 -13.64 -3.44 -10.78
N THR A 326 -14.16 -4.62 -11.09
CA THR A 326 -15.55 -4.84 -10.75
C THR A 326 -15.70 -5.01 -9.25
N ALA A 327 -14.70 -5.61 -8.62
CA ALA A 327 -14.67 -5.70 -7.16
C ALA A 327 -14.85 -4.30 -6.52
N ILE A 328 -14.01 -3.34 -6.90
CA ILE A 328 -14.15 -1.99 -6.37
C ILE A 328 -15.49 -1.32 -6.68
N ALA A 329 -15.95 -1.41 -7.92
CA ALA A 329 -17.22 -0.82 -8.32
C ALA A 329 -18.36 -1.26 -7.41
N ASN A 330 -18.46 -2.56 -7.17
CA ASN A 330 -19.50 -3.13 -6.30
C ASN A 330 -19.43 -2.71 -4.84
N LEU A 331 -18.21 -2.57 -4.33
CA LEU A 331 -18.02 -2.13 -2.94
C LEU A 331 -18.43 -0.67 -2.84
N LYS A 332 -18.09 0.10 -3.85
CA LYS A 332 -18.36 1.53 -3.85
C LYS A 332 -19.86 1.85 -3.90
N LYS A 333 -20.67 0.89 -4.34
CA LYS A 333 -22.13 1.06 -4.35
C LYS A 333 -22.67 1.23 -2.91
N CYS A 334 -21.89 0.77 -1.94
CA CYS A 334 -22.33 0.85 -0.56
C CYS A 334 -22.19 2.24 0.03
N SER A 335 -21.29 3.04 -0.54
CA SER A 335 -21.05 4.37 0.01
C SER A 335 -21.66 5.50 -0.81
N LEU A 340 -21.05 5.56 -12.31
CA LEU A 340 -19.74 4.93 -12.19
C LEU A 340 -18.62 5.83 -12.75
N GLU A 341 -19.00 6.74 -13.63
CA GLU A 341 -18.10 7.75 -14.13
C GLU A 341 -18.60 9.03 -13.46
N ALA A 342 -17.67 9.67 -12.85
CA ALA A 342 -17.79 10.93 -12.15
C ALA A 342 -16.35 11.11 -11.68
N CYS A 343 -16.05 12.26 -11.12
CA CYS A 343 -14.75 12.52 -10.53
C CYS A 343 -15.04 12.64 -9.03
N ALA A 344 -14.34 11.97 -8.14
CA ALA A 344 -14.62 12.08 -6.71
C ALA A 344 -14.36 13.50 -6.12
N PHE A 345 -13.70 14.41 -6.90
CA PHE A 345 -13.43 15.83 -6.49
C PHE A 345 -14.22 16.78 -7.38
#